data_6XK5
#
_entry.id   6XK5
#
_cell.length_a   80.320
_cell.length_b   94.990
_cell.length_c   61.950
_cell.angle_alpha   90.000
_cell.angle_beta   90.000
_cell.angle_gamma   90.000
#
_symmetry.space_group_name_H-M   'P 21 21 2'
#
loop_
_entity.id
_entity.type
_entity.pdbx_description
1 polymer 'Nitric oxide synthase oxygenase'
2 non-polymer 'PROTOPORPHYRIN IX CONTAINING FE'
3 non-polymer 7-{[3-({[3-(6-aminopyridin-2-yl)propyl]amino}methyl)phenoxy]methyl}quinolin-2-amine
4 non-polymer 'CHLORIDE ION'
5 non-polymer GLYCEROL
6 water water
#
_entity_poly.entity_id   1
_entity_poly.type   'polypeptide(L)'
_entity_poly.pdbx_seq_one_letter_code
;MEEKEILWNEAKAFIAACYQELGKAAEVKDRLADIKSEIDLTGSYVHTKEELEHGAKMAWRNSNRCIGRLFWNSLNVIDR
RDVRTKEEVRDALFHHIETATNNGKIRPTITIFPPEEKGEKQVEIWNHQLIRYAGYESDGERIGDPASCSLTAACEELGW
RGERTDFDLLPLIFRMKGDEQPVWYELPRSLVIEVPITHPDIEAFSDLELKWYGVPIISDMKLEVGGIHYNAAPFNGWYM
GTEIGARNLADEKRYDKLKKVASVIGIAADYNTDLWKDQALVELNKAVLHSYKKQGVSIVDHHTAASQFKRFEEQAEEAG
RKLTGDWTWLIPPISPAATHIFHRSYDNSIVKPNYFYQDKPYE
;
_entity_poly.pdbx_strand_id   A
#
loop_
_chem_comp.id
_chem_comp.type
_chem_comp.name
_chem_comp.formula
CL non-polymer 'CHLORIDE ION' 'Cl -1'
GOL non-polymer GLYCEROL 'C3 H8 O3'
HEM non-polymer 'PROTOPORPHYRIN IX CONTAINING FE' 'C34 H32 Fe N4 O4'
V4Y non-polymer 7-{[3-({[3-(6-aminopyridin-2-yl)propyl]amino}methyl)phenoxy]methyl}quinolin-2-amine 'C25 H27 N5 O'
#
# COMPACT_ATOMS: atom_id res chain seq x y z
N GLU A 2 3.84 24.97 -21.67
CA GLU A 2 3.59 24.70 -20.26
C GLU A 2 2.61 23.57 -20.20
N GLU A 3 2.61 22.80 -19.11
CA GLU A 3 1.55 21.81 -18.90
C GLU A 3 1.38 20.87 -20.08
N LYS A 4 0.69 21.41 -21.10
CA LYS A 4 0.17 20.68 -22.23
C LYS A 4 1.27 20.03 -23.03
N GLU A 5 2.52 20.44 -22.83
CA GLU A 5 3.57 19.89 -23.65
C GLU A 5 4.27 18.75 -22.93
N ILE A 6 4.39 18.89 -21.61
CA ILE A 6 4.84 17.81 -20.73
C ILE A 6 3.90 16.61 -20.84
N LEU A 7 2.59 16.88 -20.80
CA LEU A 7 1.61 15.80 -20.92
C LEU A 7 1.80 15.05 -22.23
N TRP A 8 1.84 15.78 -23.35
CA TRP A 8 2.09 15.18 -24.64
C TRP A 8 3.39 14.38 -24.66
N ASN A 9 4.39 14.86 -23.93
CA ASN A 9 5.68 14.19 -23.91
C ASN A 9 5.58 12.85 -23.18
N GLU A 10 4.96 12.85 -22.01
CA GLU A 10 4.79 11.61 -21.24
C GLU A 10 3.87 10.66 -21.97
N ALA A 11 2.89 11.20 -22.71
CA ALA A 11 1.94 10.36 -23.44
C ALA A 11 2.62 9.55 -24.52
N LYS A 12 3.51 10.18 -25.27
CA LYS A 12 4.24 9.45 -26.30
C LYS A 12 5.13 8.39 -25.69
N ALA A 13 5.89 8.76 -24.67
CA ALA A 13 6.76 7.78 -24.02
C ALA A 13 5.94 6.61 -23.49
N PHE A 14 4.78 6.90 -22.90
CA PHE A 14 3.98 5.83 -22.29
C PHE A 14 3.28 4.98 -23.34
N ILE A 15 2.60 5.62 -24.30
CA ILE A 15 1.87 4.85 -25.30
C ILE A 15 2.82 3.97 -26.10
N ALA A 16 3.97 4.52 -26.51
CA ALA A 16 4.97 3.73 -27.21
C ALA A 16 5.30 2.46 -26.43
N ALA A 17 5.71 2.60 -25.17
CA ALA A 17 6.16 1.45 -24.38
C ALA A 17 5.01 0.52 -24.04
N CYS A 18 3.84 1.10 -23.71
CA CYS A 18 2.70 0.27 -23.35
C CYS A 18 2.27 -0.59 -24.53
N TYR A 19 2.18 0.00 -25.71
CA TYR A 19 1.76 -0.75 -26.88
C TYR A 19 2.82 -1.76 -27.33
N GLN A 20 4.12 -1.42 -27.22
CA GLN A 20 5.15 -2.44 -27.45
C GLN A 20 4.89 -3.67 -26.60
N GLU A 21 4.77 -3.46 -25.28
CA GLU A 21 4.58 -4.60 -24.37
C GLU A 21 3.30 -5.37 -24.69
N LEU A 22 2.28 -4.69 -25.18
CA LEU A 22 1.04 -5.34 -25.54
C LEU A 22 1.04 -5.88 -26.97
N GLY A 23 2.17 -5.79 -27.66
CA GLY A 23 2.25 -6.23 -29.04
C GLY A 23 1.37 -5.44 -29.98
N LYS A 24 1.11 -4.16 -29.69
CA LYS A 24 0.24 -3.29 -30.49
C LYS A 24 1.01 -2.12 -31.08
N ALA A 25 2.28 -2.34 -31.42
CA ALA A 25 3.14 -1.25 -31.85
C ALA A 25 2.60 -0.55 -33.10
N ALA A 26 1.83 -1.27 -33.93
CA ALA A 26 1.32 -0.65 -35.14
C ALA A 26 0.27 0.42 -34.84
N GLU A 27 -0.45 0.27 -33.73
CA GLU A 27 -1.52 1.19 -33.40
C GLU A 27 -1.03 2.44 -32.69
N VAL A 28 0.27 2.58 -32.48
CA VAL A 28 0.79 3.71 -31.74
C VAL A 28 0.59 5.01 -32.52
N LYS A 29 0.82 4.96 -33.83
CA LYS A 29 0.77 6.18 -34.64
C LYS A 29 -0.61 6.80 -34.59
N ASP A 30 -1.65 6.01 -34.84
CA ASP A 30 -3.01 6.55 -34.80
C ASP A 30 -3.40 6.95 -33.38
N ARG A 31 -3.06 6.14 -32.38
CA ARG A 31 -3.47 6.46 -31.01
C ARG A 31 -2.79 7.74 -30.54
N LEU A 32 -1.50 7.93 -30.87
CA LEU A 32 -0.85 9.19 -30.54
C LEU A 32 -1.44 10.33 -31.35
N ALA A 33 -1.99 10.03 -32.54
CA ALA A 33 -2.66 11.03 -33.35
C ALA A 33 -4.06 11.34 -32.85
N ASP A 34 -4.71 10.42 -32.14
CA ASP A 34 -5.96 10.78 -31.47
C ASP A 34 -5.70 11.54 -30.19
N ILE A 35 -4.59 11.22 -29.52
CA ILE A 35 -4.18 11.96 -28.32
C ILE A 35 -3.67 13.35 -28.70
N LYS A 36 -2.91 13.44 -29.80
CA LYS A 36 -2.71 14.67 -30.58
C LYS A 36 -3.76 15.72 -30.30
N SER A 37 -4.95 15.45 -30.86
CA SER A 37 -6.03 16.40 -30.93
C SER A 37 -6.64 16.61 -29.56
N GLU A 38 -6.87 15.50 -28.85
CA GLU A 38 -7.57 15.56 -27.57
C GLU A 38 -6.86 16.49 -26.61
N ILE A 39 -5.52 16.47 -26.58
CA ILE A 39 -4.80 17.37 -25.69
C ILE A 39 -4.92 18.81 -26.19
N ASP A 40 -4.94 19.01 -27.52
CA ASP A 40 -5.18 20.34 -28.08
C ASP A 40 -6.54 20.88 -27.65
N LEU A 41 -7.60 20.13 -27.98
CA LEU A 41 -8.95 20.64 -27.79
C LEU A 41 -9.32 20.73 -26.31
N THR A 42 -8.86 19.77 -25.50
CA THR A 42 -9.35 19.62 -24.14
C THR A 42 -8.32 19.87 -23.05
N GLY A 43 -7.03 19.88 -23.36
CA GLY A 43 -6.02 20.02 -22.34
C GLY A 43 -5.58 18.72 -21.70
N SER A 44 -6.26 17.61 -22.00
CA SER A 44 -5.92 16.33 -21.41
C SER A 44 -6.30 15.23 -22.39
N TYR A 45 -6.11 13.98 -21.95
CA TYR A 45 -6.54 12.83 -22.72
C TYR A 45 -6.98 11.74 -21.75
N VAL A 46 -7.76 10.80 -22.27
CA VAL A 46 -8.39 9.74 -21.48
C VAL A 46 -7.79 8.41 -21.92
N HIS A 47 -7.28 7.65 -20.95
CA HIS A 47 -6.73 6.32 -21.24
C HIS A 47 -7.86 5.35 -21.59
N THR A 48 -7.57 4.45 -22.52
CA THR A 48 -8.37 3.25 -22.69
C THR A 48 -8.28 2.38 -21.44
N LYS A 49 -9.28 1.50 -21.27
CA LYS A 49 -9.21 0.55 -20.16
C LYS A 49 -7.93 -0.28 -20.22
N GLU A 50 -7.51 -0.66 -21.43
CA GLU A 50 -6.29 -1.42 -21.60
C GLU A 50 -5.06 -0.63 -21.16
N GLU A 51 -4.99 0.64 -21.54
CA GLU A 51 -3.83 1.44 -21.19
C GLU A 51 -3.79 1.68 -19.68
N LEU A 52 -4.95 1.90 -19.08
CA LEU A 52 -4.98 2.18 -17.64
C LEU A 52 -4.59 0.95 -16.85
N GLU A 53 -5.11 -0.22 -17.23
CA GLU A 53 -4.76 -1.47 -16.56
C GLU A 53 -3.27 -1.77 -16.70
N HIS A 54 -2.76 -1.77 -17.94
CA HIS A 54 -1.33 -2.03 -18.10
C HIS A 54 -0.48 -0.94 -17.47
N GLY A 55 -0.96 0.31 -17.47
CA GLY A 55 -0.24 1.39 -16.81
C GLY A 55 -0.07 1.19 -15.31
N ALA A 56 -1.13 0.73 -14.64
CA ALA A 56 -1.07 0.46 -13.20
C ALA A 56 -0.13 -0.72 -12.91
N LYS A 57 -0.16 -1.73 -13.78
CA LYS A 57 0.76 -2.85 -13.66
C LYS A 57 2.20 -2.40 -13.88
N MET A 58 2.44 -1.54 -14.87
CA MET A 58 3.81 -1.05 -15.06
C MET A 58 4.27 -0.26 -13.85
N ALA A 59 3.35 0.48 -13.24
CA ALA A 59 3.70 1.35 -12.13
C ALA A 59 4.12 0.53 -10.93
N TRP A 60 3.49 -0.64 -10.74
CA TRP A 60 3.92 -1.52 -9.66
C TRP A 60 5.28 -2.12 -9.98
N ARG A 61 5.44 -2.58 -11.21
CA ARG A 61 6.71 -3.16 -11.65
C ARG A 61 7.88 -2.21 -11.47
N ASN A 62 7.62 -0.90 -11.55
CA ASN A 62 8.66 0.13 -11.45
C ASN A 62 8.86 0.65 -10.04
N SER A 63 8.17 0.09 -9.05
CA SER A 63 8.22 0.60 -7.69
C SER A 63 9.48 0.06 -7.02
N ASN A 64 10.52 0.89 -7.01
CA ASN A 64 11.84 0.48 -6.54
C ASN A 64 11.82 -0.13 -5.15
N ARG A 65 10.93 0.32 -4.26
CA ARG A 65 11.01 -0.11 -2.87
C ARG A 65 10.27 -1.41 -2.59
N CYS A 66 9.60 -1.99 -3.58
CA CYS A 66 8.69 -3.11 -3.37
C CYS A 66 9.34 -4.45 -3.71
N ILE A 67 9.45 -5.31 -2.69
CA ILE A 67 9.99 -6.64 -2.85
C ILE A 67 8.99 -7.59 -3.50
N GLY A 68 7.71 -7.18 -3.60
CA GLY A 68 6.72 -8.13 -4.06
C GLY A 68 6.44 -8.06 -5.54
N ARG A 69 7.33 -7.45 -6.32
CA ARG A 69 6.94 -7.09 -7.69
C ARG A 69 6.88 -8.27 -8.65
N LEU A 70 7.19 -9.49 -8.22
CA LEU A 70 7.13 -10.62 -9.15
C LEU A 70 5.74 -10.72 -9.77
N PHE A 71 4.72 -10.36 -8.98
CA PHE A 71 3.35 -10.59 -9.40
C PHE A 71 2.72 -9.37 -10.06
N TRP A 72 3.53 -8.41 -10.51
CA TRP A 72 3.03 -7.15 -11.07
C TRP A 72 1.96 -7.37 -12.15
N ASN A 73 2.07 -8.44 -12.94
CA ASN A 73 1.21 -8.58 -14.11
C ASN A 73 -0.15 -9.18 -13.77
N SER A 74 -0.32 -9.68 -12.57
CA SER A 74 -1.61 -10.22 -12.15
C SER A 74 -2.42 -9.26 -11.28
N LEU A 75 -1.98 -7.99 -11.19
CA LEU A 75 -2.73 -6.96 -10.47
C LEU A 75 -4.16 -6.87 -11.01
N ASN A 76 -5.14 -6.85 -10.10
CA ASN A 76 -6.56 -6.74 -10.46
C ASN A 76 -6.91 -5.27 -10.46
N VAL A 77 -7.16 -4.70 -11.63
CA VAL A 77 -7.34 -3.26 -11.77
C VAL A 77 -8.83 -3.00 -11.93
N ILE A 78 -9.38 -2.17 -11.05
CA ILE A 78 -10.80 -1.80 -11.07
C ILE A 78 -10.91 -0.36 -11.55
N ASP A 79 -11.58 -0.16 -12.68
CA ASP A 79 -11.66 1.17 -13.31
C ASP A 79 -12.89 1.91 -12.76
N ARG A 80 -12.65 2.86 -11.85
CA ARG A 80 -13.76 3.62 -11.26
C ARG A 80 -13.66 5.10 -11.60
N ARG A 81 -13.29 5.39 -12.85
CA ARG A 81 -13.23 6.78 -13.32
C ARG A 81 -14.62 7.36 -13.56
N ASP A 82 -15.67 6.54 -13.53
CA ASP A 82 -17.05 6.98 -13.67
C ASP A 82 -17.65 7.51 -12.37
N VAL A 83 -16.93 7.44 -11.24
CA VAL A 83 -17.52 7.83 -9.98
C VAL A 83 -17.72 9.33 -9.99
N ARG A 84 -18.83 9.79 -9.42
CA ARG A 84 -19.13 11.22 -9.34
C ARG A 84 -19.65 11.65 -7.98
N THR A 85 -20.17 10.75 -7.16
CA THR A 85 -20.74 11.12 -5.86
C THR A 85 -19.98 10.48 -4.70
N LYS A 86 -20.18 11.04 -3.51
CA LYS A 86 -19.56 10.49 -2.31
C LYS A 86 -20.05 9.08 -2.01
N GLU A 87 -21.33 8.82 -2.25
CA GLU A 87 -21.83 7.48 -2.06
C GLU A 87 -21.15 6.50 -3.01
N GLU A 88 -20.84 6.94 -4.23
CA GLU A 88 -20.18 6.04 -5.18
C GLU A 88 -18.72 5.82 -4.80
N VAL A 89 -18.03 6.88 -4.35
CA VAL A 89 -16.65 6.70 -3.84
C VAL A 89 -16.67 5.72 -2.67
N ARG A 90 -17.53 5.99 -1.68
CA ARG A 90 -17.66 5.13 -0.51
C ARG A 90 -17.91 3.69 -0.88
N ASP A 91 -18.87 3.45 -1.78
CA ASP A 91 -19.17 2.07 -2.12
C ASP A 91 -18.02 1.41 -2.89
N ALA A 92 -17.29 2.17 -3.71
CA ALA A 92 -16.15 1.59 -4.44
C ALA A 92 -15.02 1.23 -3.49
N LEU A 93 -14.84 2.02 -2.43
CA LEU A 93 -13.86 1.70 -1.40
C LEU A 93 -14.30 0.49 -0.59
N PHE A 94 -15.59 0.43 -0.23
CA PHE A 94 -16.13 -0.77 0.40
C PHE A 94 -15.93 -1.98 -0.49
N HIS A 95 -16.21 -1.83 -1.79
CA HIS A 95 -16.04 -2.96 -2.70
C HIS A 95 -14.58 -3.39 -2.76
N HIS A 96 -13.67 -2.42 -2.85
CA HIS A 96 -12.24 -2.75 -2.90
C HIS A 96 -11.86 -3.62 -1.72
N ILE A 97 -12.24 -3.22 -0.51
CA ILE A 97 -11.96 -4.04 0.66
C ILE A 97 -12.47 -5.46 0.45
N GLU A 98 -13.74 -5.61 0.09
CA GLU A 98 -14.34 -6.94 0.07
C GLU A 98 -13.66 -7.83 -0.96
N THR A 99 -13.38 -7.27 -2.16
CA THR A 99 -12.88 -8.12 -3.23
C THR A 99 -11.38 -8.36 -3.13
N ALA A 100 -10.65 -7.38 -2.58
CA ALA A 100 -9.25 -7.59 -2.24
C ALA A 100 -9.10 -8.61 -1.12
N THR A 101 -9.94 -8.53 -0.08
CA THR A 101 -9.87 -9.49 1.03
C THR A 101 -10.16 -10.91 0.55
N ASN A 102 -11.24 -11.06 -0.21
CA ASN A 102 -11.59 -12.31 -0.84
C ASN A 102 -11.58 -13.45 0.17
N ASN A 103 -12.25 -13.24 1.32
CA ASN A 103 -12.34 -14.24 2.38
C ASN A 103 -10.96 -14.65 2.94
N GLY A 104 -9.92 -13.84 2.74
CA GLY A 104 -8.58 -14.13 3.23
C GLY A 104 -7.59 -14.49 2.13
N LYS A 105 -8.09 -14.95 0.98
CA LYS A 105 -7.18 -15.28 -0.11
C LYS A 105 -6.98 -14.00 -0.91
N ILE A 106 -6.09 -13.16 -0.38
CA ILE A 106 -6.01 -11.76 -0.81
C ILE A 106 -5.65 -11.64 -2.28
N ARG A 107 -6.36 -10.74 -2.97
CA ARG A 107 -6.12 -10.40 -4.38
C ARG A 107 -5.48 -9.03 -4.47
N PRO A 108 -4.24 -8.95 -4.97
CA PRO A 108 -3.65 -7.64 -5.28
C PRO A 108 -4.57 -6.88 -6.23
N THR A 109 -5.06 -5.73 -5.76
CA THR A 109 -6.15 -5.00 -6.42
C THR A 109 -5.85 -3.51 -6.31
N ILE A 110 -6.21 -2.78 -7.35
CA ILE A 110 -6.19 -1.31 -7.33
C ILE A 110 -7.52 -0.83 -7.88
N THR A 111 -8.07 0.18 -7.24
CA THR A 111 -9.29 0.86 -7.70
C THR A 111 -8.84 2.27 -8.08
N ILE A 112 -9.13 2.65 -9.31
CA ILE A 112 -8.62 3.90 -9.86
C ILE A 112 -9.78 4.85 -10.01
N PHE A 113 -9.67 6.00 -9.37
CA PHE A 113 -10.71 7.02 -9.40
C PHE A 113 -10.38 8.04 -10.48
N PRO A 114 -11.28 8.99 -10.77
CA PRO A 114 -10.98 10.04 -11.77
C PRO A 114 -9.67 10.73 -11.46
N PRO A 115 -8.84 10.96 -12.48
CA PRO A 115 -7.57 11.65 -12.25
C PRO A 115 -7.79 13.13 -11.97
N GLU A 116 -6.74 13.81 -11.49
CA GLU A 116 -6.89 15.25 -11.30
C GLU A 116 -7.16 15.93 -12.64
N GLU A 117 -7.86 17.07 -12.56
CA GLU A 117 -8.33 17.81 -13.73
C GLU A 117 -7.04 18.39 -14.28
N LYS A 118 -6.70 19.63 -13.94
CA LYS A 118 -5.29 20.03 -14.01
C LYS A 118 -4.86 20.61 -12.68
N GLY A 119 -4.27 19.73 -11.86
CA GLY A 119 -4.01 20.01 -10.48
C GLY A 119 -5.20 19.85 -9.56
N GLU A 120 -6.42 19.99 -10.08
CA GLU A 120 -7.62 19.91 -9.26
C GLU A 120 -8.00 18.45 -9.04
N LYS A 121 -7.98 18.01 -7.79
CA LYS A 121 -8.38 16.65 -7.47
C LYS A 121 -9.89 16.51 -7.60
N GLN A 122 -10.34 15.38 -8.17
CA GLN A 122 -11.76 15.07 -8.21
C GLN A 122 -12.21 14.39 -6.93
N VAL A 123 -11.34 13.55 -6.38
CA VAL A 123 -11.54 12.83 -5.13
C VAL A 123 -10.22 12.92 -4.39
N GLU A 124 -10.28 13.20 -3.09
CA GLU A 124 -9.06 13.36 -2.28
C GLU A 124 -9.24 12.46 -1.05
N ILE A 125 -8.47 11.37 -0.98
CA ILE A 125 -8.61 10.40 0.09
C ILE A 125 -7.70 10.81 1.22
N TRP A 126 -8.24 10.89 2.43
CA TRP A 126 -7.42 11.30 3.57
C TRP A 126 -6.74 10.12 4.27
N ASN A 127 -7.29 8.92 4.17
CA ASN A 127 -6.66 7.77 4.82
C ASN A 127 -5.28 7.50 4.23
N HIS A 128 -4.38 7.01 5.09
CA HIS A 128 -3.13 6.45 4.61
C HIS A 128 -3.35 5.03 4.08
N GLN A 129 -4.03 4.19 4.86
CA GLN A 129 -4.58 2.93 4.35
C GLN A 129 -6.08 2.92 4.60
N LEU A 130 -6.82 2.16 3.76
CA LEU A 130 -8.27 2.11 3.96
C LEU A 130 -8.63 1.47 5.30
N ILE A 131 -7.85 0.47 5.74
CA ILE A 131 -8.03 -0.10 7.06
C ILE A 131 -6.79 0.25 7.86
N ARG A 132 -6.98 1.00 8.96
CA ARG A 132 -5.88 1.37 9.85
C ARG A 132 -6.44 1.68 11.23
N TYR A 133 -5.58 1.56 12.25
CA TYR A 133 -6.02 1.83 13.60
C TYR A 133 -5.77 3.29 13.99
N ALA A 134 -6.70 3.84 14.79
CA ALA A 134 -6.60 5.19 15.31
C ALA A 134 -5.49 5.27 16.37
N GLY A 135 -5.02 6.48 16.63
CA GLY A 135 -4.00 6.70 17.64
C GLY A 135 -4.32 7.93 18.45
N TYR A 136 -4.06 7.89 19.76
CA TYR A 136 -4.40 8.99 20.64
C TYR A 136 -3.22 9.31 21.55
N GLU A 137 -3.16 10.58 21.97
CA GLU A 137 -2.22 11.00 23.02
C GLU A 137 -2.86 12.16 23.78
N SER A 138 -3.26 11.92 25.03
CA SER A 138 -3.69 13.00 25.92
C SER A 138 -3.12 12.74 27.32
N ASP A 139 -2.81 13.81 28.03
CA ASP A 139 -2.23 13.68 29.37
C ASP A 139 -1.05 12.74 29.39
N GLY A 140 -0.37 12.59 28.26
CA GLY A 140 0.67 11.61 28.19
C GLY A 140 0.24 10.15 28.26
N GLU A 141 -1.06 9.84 28.20
CA GLU A 141 -1.43 8.46 27.95
C GLU A 141 -1.50 8.27 26.44
N ARG A 142 -0.84 7.22 25.96
CA ARG A 142 -0.82 6.87 24.55
C ARG A 142 -1.74 5.68 24.36
N ILE A 143 -2.59 5.75 23.34
CA ILE A 143 -3.52 4.67 23.02
C ILE A 143 -3.46 4.45 21.52
N GLY A 144 -3.44 3.19 21.11
CA GLY A 144 -3.56 2.93 19.69
C GLY A 144 -2.25 3.17 18.96
N ASP A 145 -2.39 3.57 17.69
CA ASP A 145 -1.27 3.59 16.76
C ASP A 145 -0.75 5.01 16.64
N PRO A 146 0.41 5.32 17.21
CA PRO A 146 0.92 6.70 17.16
C PRO A 146 1.02 7.26 15.76
N ALA A 147 1.28 6.41 14.75
CA ALA A 147 1.34 6.92 13.40
C ALA A 147 0.01 7.45 12.91
N SER A 148 -1.09 7.13 13.59
CA SER A 148 -2.39 7.64 13.18
C SER A 148 -2.87 8.86 13.97
N CYS A 149 -2.03 9.45 14.82
CA CYS A 149 -2.50 10.54 15.70
C CYS A 149 -3.00 11.74 14.92
N SER A 150 -2.27 12.19 13.90
CA SER A 150 -2.73 13.41 13.24
C SER A 150 -4.04 13.18 12.48
N LEU A 151 -4.18 12.03 11.81
CA LEU A 151 -5.41 11.76 11.08
C LEU A 151 -6.56 11.51 12.03
N THR A 152 -6.30 10.75 13.10
CA THR A 152 -7.30 10.52 14.13
C THR A 152 -7.84 11.85 14.66
N ALA A 153 -6.94 12.79 14.93
CA ALA A 153 -7.36 14.10 15.45
C ALA A 153 -8.11 14.90 14.39
N ALA A 154 -7.66 14.84 13.12
CA ALA A 154 -8.45 15.37 12.01
C ALA A 154 -9.85 14.79 12.00
N CYS A 155 -9.95 13.45 12.12
CA CYS A 155 -11.25 12.79 12.10
C CYS A 155 -12.12 13.27 13.24
N GLU A 156 -11.56 13.46 14.44
CA GLU A 156 -12.39 13.87 15.55
C GLU A 156 -12.78 15.33 15.45
N GLU A 157 -12.09 16.11 14.62
CA GLU A 157 -12.56 17.47 14.38
C GLU A 157 -13.85 17.47 13.57
N LEU A 158 -14.05 16.48 12.70
CA LEU A 158 -15.21 16.37 11.85
C LEU A 158 -16.35 15.59 12.48
N GLY A 159 -16.30 15.36 13.78
CA GLY A 159 -17.41 14.76 14.45
C GLY A 159 -17.34 13.29 14.66
N TRP A 160 -16.31 12.60 14.14
CA TRP A 160 -16.09 11.21 14.51
C TRP A 160 -15.58 11.14 15.95
N ARG A 161 -15.88 10.03 16.63
CA ARG A 161 -15.33 9.79 17.96
C ARG A 161 -14.87 8.33 18.06
N GLY A 162 -13.60 8.10 18.40
CA GLY A 162 -13.09 6.74 18.60
C GLY A 162 -13.39 6.25 20.01
N GLU A 163 -13.60 4.94 20.15
CA GLU A 163 -13.79 4.29 21.45
C GLU A 163 -12.54 4.27 22.31
N ARG A 164 -11.39 4.59 21.72
CA ARG A 164 -10.09 4.63 22.42
C ARG A 164 -9.68 3.26 22.96
N THR A 165 -10.01 2.18 22.22
CA THR A 165 -9.25 0.95 22.29
C THR A 165 -7.91 1.16 21.58
N ASP A 166 -7.00 0.19 21.71
CA ASP A 166 -5.75 0.28 20.97
C ASP A 166 -5.91 -0.10 19.51
N PHE A 167 -7.09 -0.57 19.10
CA PHE A 167 -7.36 -1.04 17.75
C PHE A 167 -8.69 -0.52 17.24
N ASP A 168 -8.94 0.80 17.38
CA ASP A 168 -10.12 1.43 16.78
C ASP A 168 -9.91 1.54 15.29
N LEU A 169 -10.90 1.11 14.52
CA LEU A 169 -10.77 1.25 13.08
C LEU A 169 -11.09 2.68 12.70
N LEU A 170 -10.17 3.34 12.03
CA LEU A 170 -10.48 4.68 11.54
C LEU A 170 -11.59 4.61 10.49
N PRO A 171 -12.36 5.68 10.34
CA PRO A 171 -13.37 5.71 9.29
C PRO A 171 -12.71 6.01 7.96
N LEU A 172 -13.38 5.60 6.87
CA LEU A 172 -13.01 6.14 5.58
C LEU A 172 -13.24 7.63 5.61
N ILE A 173 -12.31 8.39 5.09
CA ILE A 173 -12.43 9.84 5.06
C ILE A 173 -11.84 10.38 3.76
N PHE A 174 -12.67 11.12 3.02
CA PHE A 174 -12.28 11.66 1.73
C PHE A 174 -13.13 12.87 1.44
N ARG A 175 -12.62 13.74 0.58
CA ARG A 175 -13.26 14.97 0.15
C ARG A 175 -13.49 14.93 -1.35
N MET A 176 -14.63 15.48 -1.79
CA MET A 176 -14.97 15.63 -3.20
C MET A 176 -14.66 17.04 -3.67
N LYS A 177 -14.34 17.15 -4.95
CA LYS A 177 -14.13 18.44 -5.56
C LYS A 177 -15.37 19.29 -5.31
N GLY A 178 -15.16 20.52 -4.88
CA GLY A 178 -16.26 21.42 -4.63
C GLY A 178 -16.85 21.32 -3.24
N ASP A 179 -16.42 20.36 -2.44
CA ASP A 179 -16.77 20.33 -1.02
C ASP A 179 -15.60 20.91 -0.25
N GLU A 180 -15.92 21.71 0.77
CA GLU A 180 -14.88 22.28 1.61
C GLU A 180 -14.37 21.29 2.65
N GLN A 181 -15.20 20.35 3.07
CA GLN A 181 -14.76 19.41 4.09
C GLN A 181 -14.92 17.98 3.58
N PRO A 182 -14.09 17.05 4.04
CA PRO A 182 -14.33 15.64 3.70
C PRO A 182 -15.53 15.09 4.46
N VAL A 183 -16.02 13.97 3.99
CA VAL A 183 -16.98 13.18 4.73
C VAL A 183 -16.23 11.99 5.31
N TRP A 184 -16.86 11.35 6.29
CA TRP A 184 -16.32 10.12 6.83
C TRP A 184 -17.44 9.10 6.98
N TYR A 185 -17.07 7.83 6.86
CA TYR A 185 -17.98 6.69 6.97
C TYR A 185 -17.32 5.61 7.82
N GLU A 186 -18.00 5.18 8.90
CA GLU A 186 -17.51 4.03 9.65
C GLU A 186 -17.38 2.83 8.72
N LEU A 187 -16.33 2.04 8.93
CA LEU A 187 -16.18 0.79 8.18
C LEU A 187 -17.15 -0.25 8.70
N PRO A 188 -17.97 -0.87 7.86
CA PRO A 188 -18.71 -2.06 8.29
C PRO A 188 -17.75 -3.14 8.76
N ARG A 189 -17.93 -3.59 10.00
CA ARG A 189 -16.99 -4.55 10.57
C ARG A 189 -16.96 -5.85 9.78
N SER A 190 -18.10 -6.24 9.22
CA SER A 190 -18.20 -7.46 8.42
C SER A 190 -17.19 -7.47 7.27
N LEU A 191 -16.76 -6.32 6.80
CA LEU A 191 -15.82 -6.26 5.69
C LEU A 191 -14.36 -6.42 6.12
N VAL A 192 -14.05 -6.24 7.41
CA VAL A 192 -12.65 -6.09 7.87
C VAL A 192 -12.20 -7.38 8.53
N ILE A 193 -11.29 -8.16 7.90
CA ILE A 193 -10.76 -9.30 8.62
C ILE A 193 -9.62 -8.83 9.52
N GLU A 194 -9.57 -9.37 10.72
CA GLU A 194 -8.48 -9.12 11.65
C GLU A 194 -7.96 -10.45 12.16
N VAL A 195 -6.68 -10.47 12.50
CA VAL A 195 -6.05 -11.72 12.91
C VAL A 195 -5.55 -11.54 14.35
N PRO A 196 -6.06 -12.28 15.32
CA PRO A 196 -5.40 -12.31 16.64
C PRO A 196 -4.03 -12.96 16.53
N ILE A 197 -3.05 -12.39 17.23
CA ILE A 197 -1.68 -12.88 17.18
C ILE A 197 -1.52 -13.91 18.30
N THR A 198 -1.30 -15.17 17.91
CA THR A 198 -0.90 -16.22 18.83
C THR A 198 0.44 -16.79 18.38
N HIS A 199 1.03 -17.59 19.27
CA HIS A 199 2.32 -18.18 18.99
C HIS A 199 2.16 -19.68 18.81
N PRO A 200 2.90 -20.30 17.89
CA PRO A 200 2.74 -21.75 17.69
C PRO A 200 3.06 -22.59 18.93
N ASP A 201 3.97 -22.12 19.78
CA ASP A 201 4.56 -22.91 20.85
C ASP A 201 4.28 -22.35 22.24
N ILE A 202 4.09 -21.05 22.34
CA ILE A 202 4.09 -20.35 23.61
C ILE A 202 2.65 -19.93 23.88
N GLU A 203 1.96 -20.72 24.70
CA GLU A 203 0.53 -20.53 24.89
C GLU A 203 0.23 -19.16 25.46
N ALA A 204 1.17 -18.61 26.24
CA ALA A 204 0.90 -17.34 26.89
C ALA A 204 0.95 -16.15 25.93
N PHE A 205 1.41 -16.35 24.69
CA PHE A 205 1.54 -15.21 23.79
C PHE A 205 0.21 -14.47 23.63
N SER A 206 -0.91 -15.18 23.77
CA SER A 206 -2.23 -14.56 23.65
C SER A 206 -2.52 -13.58 24.77
N ASP A 207 -1.79 -13.67 25.89
CA ASP A 207 -1.99 -12.70 26.97
C ASP A 207 -1.70 -11.29 26.51
N LEU A 208 -0.90 -11.14 25.44
CA LEU A 208 -0.60 -9.83 24.88
C LEU A 208 -1.78 -9.19 24.17
N GLU A 209 -2.76 -9.98 23.75
CA GLU A 209 -3.97 -9.48 23.10
C GLU A 209 -3.63 -8.58 21.90
N LEU A 210 -2.65 -9.01 21.13
CA LEU A 210 -2.27 -8.33 19.90
C LEU A 210 -3.16 -8.81 18.76
N LYS A 211 -3.47 -7.90 17.84
CA LYS A 211 -4.08 -8.28 16.57
C LYS A 211 -3.57 -7.31 15.51
N TRP A 212 -3.79 -7.67 14.25
CA TRP A 212 -3.54 -6.78 13.14
C TRP A 212 -4.62 -7.03 12.09
N TYR A 213 -4.75 -6.09 11.16
CA TYR A 213 -5.79 -6.29 10.17
C TYR A 213 -5.21 -7.08 9.01
N GLY A 214 -6.11 -7.62 8.21
CA GLY A 214 -5.70 -8.61 7.24
C GLY A 214 -5.00 -8.02 6.04
N VAL A 215 -5.46 -6.86 5.58
CA VAL A 215 -5.13 -6.38 4.24
C VAL A 215 -4.59 -4.95 4.29
N PRO A 216 -3.33 -4.71 3.88
CA PRO A 216 -2.85 -3.32 3.81
C PRO A 216 -3.24 -2.67 2.49
N ILE A 217 -4.08 -1.64 2.54
CA ILE A 217 -4.62 -1.06 1.31
C ILE A 217 -4.16 0.39 1.27
N ILE A 218 -3.01 0.65 0.67
CA ILE A 218 -2.38 1.97 0.68
C ILE A 218 -3.21 2.92 -0.16
N SER A 219 -3.68 4.03 0.45
CA SER A 219 -4.68 4.86 -0.18
C SER A 219 -4.25 6.32 -0.32
N ASP A 220 -2.98 6.64 -0.17
CA ASP A 220 -2.56 8.03 -0.21
C ASP A 220 -1.46 8.29 -1.23
N MET A 221 -1.23 7.38 -2.17
CA MET A 221 -0.16 7.55 -3.15
C MET A 221 -0.76 7.92 -4.50
N LYS A 222 0.02 8.65 -5.30
CA LYS A 222 -0.45 9.03 -6.63
C LYS A 222 0.04 8.01 -7.64
N LEU A 223 -0.87 7.53 -8.48
CA LEU A 223 -0.49 6.74 -9.65
C LEU A 223 -0.32 7.70 -10.83
N GLU A 224 0.87 7.71 -11.42
CA GLU A 224 1.10 8.49 -12.63
C GLU A 224 1.23 7.53 -13.80
N VAL A 225 0.44 7.77 -14.85
CA VAL A 225 0.46 6.95 -16.05
C VAL A 225 0.38 7.87 -17.27
N GLY A 226 1.46 7.95 -18.05
CA GLY A 226 1.48 8.78 -19.24
C GLY A 226 1.06 10.22 -19.05
N GLY A 227 1.53 10.86 -17.98
CA GLY A 227 1.18 12.25 -17.71
C GLY A 227 -0.14 12.46 -17.01
N ILE A 228 -0.94 11.42 -16.82
CA ILE A 228 -2.23 11.55 -16.14
C ILE A 228 -2.00 11.21 -14.67
N HIS A 229 -2.52 12.05 -13.78
CA HIS A 229 -2.21 11.99 -12.34
C HIS A 229 -3.40 11.46 -11.58
N TYR A 230 -3.39 10.15 -11.31
CA TYR A 230 -4.44 9.54 -10.52
C TYR A 230 -4.09 9.65 -9.04
N ASN A 231 -4.43 10.77 -8.43
CA ASN A 231 -4.06 10.97 -7.03
C ASN A 231 -4.82 10.04 -6.10
N ALA A 232 -5.96 9.52 -6.55
CA ALA A 232 -6.81 8.64 -5.75
C ALA A 232 -6.83 7.29 -6.46
N ALA A 233 -6.04 6.35 -5.96
CA ALA A 233 -6.01 5.03 -6.59
C ALA A 233 -5.53 4.03 -5.55
N PRO A 234 -6.35 3.70 -4.57
CA PRO A 234 -5.87 2.84 -3.49
C PRO A 234 -5.52 1.46 -4.02
N PHE A 235 -4.50 0.86 -3.44
CA PHE A 235 -4.07 -0.44 -3.93
C PHE A 235 -3.66 -1.29 -2.73
N ASN A 236 -3.56 -2.60 -2.96
CA ASN A 236 -3.18 -3.50 -1.89
C ASN A 236 -2.43 -4.70 -2.43
N GLY A 237 -1.56 -5.25 -1.61
CA GLY A 237 -1.08 -6.61 -1.77
C GLY A 237 -1.51 -7.38 -0.55
N TRP A 238 -0.79 -8.45 -0.23
CA TRP A 238 -0.81 -9.06 1.08
C TRP A 238 0.43 -8.59 1.85
N TYR A 239 0.39 -8.77 3.16
CA TYR A 239 1.51 -8.34 4.01
C TYR A 239 2.72 -9.24 3.81
N MET A 240 3.91 -8.66 3.96
CA MET A 240 5.06 -9.46 4.32
C MET A 240 5.17 -9.39 5.84
N GLY A 241 5.36 -10.55 6.46
CA GLY A 241 5.13 -10.63 7.90
C GLY A 241 5.96 -9.63 8.71
N THR A 242 7.17 -9.30 8.24
CA THR A 242 8.01 -8.34 8.98
C THR A 242 7.39 -6.93 9.08
N GLU A 243 6.48 -6.56 8.16
CA GLU A 243 5.86 -5.25 8.27
C GLU A 243 5.06 -5.17 9.54
N ILE A 244 4.48 -6.28 9.97
CA ILE A 244 3.71 -6.34 11.18
C ILE A 244 4.59 -6.65 12.38
N GLY A 245 5.43 -7.66 12.25
CA GLY A 245 6.15 -8.16 13.41
C GLY A 245 7.39 -7.36 13.73
N ALA A 246 8.00 -6.73 12.72
CA ALA A 246 9.25 -6.04 12.96
C ALA A 246 9.07 -4.54 12.98
N ARG A 247 7.88 -4.04 12.60
CA ARG A 247 7.72 -2.61 12.48
C ARG A 247 6.44 -2.12 13.16
N ASN A 248 5.28 -2.52 12.65
CA ASN A 248 4.02 -2.04 13.23
C ASN A 248 3.93 -2.38 14.72
N LEU A 249 4.21 -3.63 15.08
CA LEU A 249 4.03 -4.01 16.47
C LEU A 249 5.30 -3.82 17.31
N ALA A 250 6.45 -3.62 16.67
CA ALA A 250 7.74 -3.60 17.37
C ALA A 250 8.34 -2.23 17.54
N ASP A 251 8.12 -1.32 16.59
CA ASP A 251 8.82 -0.04 16.62
C ASP A 251 8.46 0.70 17.90
N GLU A 252 9.47 1.34 18.52
CA GLU A 252 9.20 2.17 19.71
C GLU A 252 8.17 3.26 19.47
N LYS A 253 8.13 3.83 18.28
CA LYS A 253 7.17 4.84 17.97
C LYS A 253 5.85 4.30 17.37
N ARG A 254 5.67 2.97 17.36
CA ARG A 254 4.40 2.38 16.96
C ARG A 254 3.88 1.67 18.18
N TYR A 255 3.57 0.37 18.07
CA TYR A 255 2.99 -0.33 19.21
C TYR A 255 4.04 -0.75 20.25
N ASP A 256 5.32 -0.75 19.89
CA ASP A 256 6.40 -0.85 20.89
C ASP A 256 6.22 -2.05 21.82
N LYS A 257 6.01 -3.23 21.23
CA LYS A 257 5.69 -4.41 22.05
C LYS A 257 6.87 -5.31 22.41
N LEU A 258 8.12 -4.95 22.13
CA LEU A 258 9.17 -5.98 22.29
C LEU A 258 9.38 -6.34 23.74
N LYS A 259 9.27 -5.36 24.66
CA LYS A 259 9.53 -5.71 26.04
C LYS A 259 8.43 -6.63 26.59
N LYS A 260 7.18 -6.41 26.20
CA LYS A 260 6.11 -7.34 26.59
C LYS A 260 6.27 -8.71 25.93
N VAL A 261 6.75 -8.75 24.69
CA VAL A 261 7.06 -10.03 24.06
C VAL A 261 8.13 -10.77 24.83
N ALA A 262 9.22 -10.08 25.19
CA ALA A 262 10.26 -10.71 26.00
C ALA A 262 9.66 -11.36 27.25
N SER A 263 8.82 -10.63 27.97
CA SER A 263 8.29 -11.18 29.22
C SER A 263 7.49 -12.45 28.97
N VAL A 264 6.56 -12.42 27.99
CA VAL A 264 5.72 -13.61 27.81
C VAL A 264 6.50 -14.78 27.22
N ILE A 265 7.61 -14.53 26.52
CA ILE A 265 8.38 -15.68 26.05
C ILE A 265 9.40 -16.10 27.10
N GLY A 266 9.41 -15.45 28.26
CA GLY A 266 10.21 -15.93 29.36
C GLY A 266 11.68 -15.59 29.33
N ILE A 267 12.06 -14.46 28.73
CA ILE A 267 13.47 -14.03 28.76
C ILE A 267 13.56 -12.66 29.37
N ALA A 268 14.70 -12.38 30.00
CA ALA A 268 14.95 -11.07 30.59
C ALA A 268 15.18 -10.04 29.51
N ALA A 269 14.72 -8.81 29.75
CA ALA A 269 14.96 -7.69 28.85
C ALA A 269 15.89 -6.66 29.48
N ASP A 270 17.00 -7.14 30.04
CA ASP A 270 17.87 -6.28 30.85
C ASP A 270 19.22 -5.98 30.23
N TYR A 271 19.80 -6.89 29.44
CA TYR A 271 21.16 -6.72 28.92
C TYR A 271 21.16 -6.75 27.40
N ASN A 272 21.77 -5.74 26.77
CA ASN A 272 21.91 -5.75 25.32
C ASN A 272 22.57 -7.04 24.84
N THR A 273 23.53 -7.57 25.61
CA THR A 273 24.30 -8.72 25.15
C THR A 273 23.50 -10.01 25.13
N ASP A 274 22.34 -10.05 25.80
CA ASP A 274 21.46 -11.18 25.74
C ASP A 274 20.69 -11.22 24.43
N LEU A 275 20.74 -10.14 23.65
CA LEU A 275 20.06 -10.06 22.36
C LEU A 275 18.59 -10.34 22.54
N TRP A 276 18.03 -9.84 23.65
CA TRP A 276 16.62 -10.08 23.91
C TRP A 276 15.73 -9.37 22.91
N LYS A 277 16.15 -8.21 22.38
CA LYS A 277 15.25 -7.60 21.40
C LYS A 277 15.25 -8.44 20.13
N ASP A 278 16.38 -9.08 19.82
CA ASP A 278 16.44 -9.78 18.54
C ASP A 278 15.61 -11.05 18.65
N GLN A 279 15.71 -11.70 19.81
CA GLN A 279 14.95 -12.91 20.09
C GLN A 279 13.45 -12.63 20.13
N ALA A 280 13.05 -11.59 20.87
CA ALA A 280 11.64 -11.17 20.86
C ALA A 280 11.15 -10.83 19.45
N LEU A 281 11.98 -10.14 18.65
CA LEU A 281 11.62 -9.88 17.26
C LEU A 281 11.33 -11.17 16.50
N VAL A 282 12.22 -12.16 16.61
CA VAL A 282 12.01 -13.42 15.90
C VAL A 282 10.71 -14.09 16.36
N GLU A 283 10.52 -14.22 17.68
CA GLU A 283 9.32 -14.90 18.16
C GLU A 283 8.04 -14.16 17.77
N LEU A 284 8.05 -12.82 17.87
CA LEU A 284 6.88 -12.06 17.42
C LEU A 284 6.62 -12.23 15.93
N ASN A 285 7.68 -12.30 15.13
CA ASN A 285 7.51 -12.46 13.68
C ASN A 285 7.07 -13.87 13.33
N LYS A 286 7.50 -14.88 14.11
CA LYS A 286 6.99 -16.24 13.93
C LYS A 286 5.50 -16.27 14.26
N ALA A 287 5.10 -15.58 15.32
CA ALA A 287 3.70 -15.54 15.75
C ALA A 287 2.82 -14.90 14.70
N VAL A 288 3.30 -13.82 14.09
CA VAL A 288 2.53 -13.15 13.05
C VAL A 288 2.29 -14.09 11.85
N LEU A 289 3.34 -14.76 11.36
CA LEU A 289 3.14 -15.66 10.21
C LEU A 289 2.22 -16.81 10.57
N HIS A 290 2.46 -17.41 11.73
CA HIS A 290 1.63 -18.50 12.24
C HIS A 290 0.17 -18.10 12.30
N SER A 291 -0.09 -16.91 12.86
CA SER A 291 -1.46 -16.49 13.07
C SER A 291 -2.17 -16.24 11.74
N TYR A 292 -1.50 -15.57 10.80
CA TYR A 292 -2.16 -15.33 9.53
C TYR A 292 -2.46 -16.64 8.82
N LYS A 293 -1.47 -17.56 8.81
CA LYS A 293 -1.65 -18.87 8.20
C LYS A 293 -2.78 -19.64 8.88
N LYS A 294 -2.83 -19.61 10.21
CA LYS A 294 -3.90 -20.34 10.92
C LYS A 294 -5.26 -19.85 10.49
N GLN A 295 -5.42 -18.53 10.40
CA GLN A 295 -6.70 -18.00 10.05
C GLN A 295 -7.00 -18.09 8.55
N GLY A 296 -6.07 -18.53 7.71
CA GLY A 296 -6.35 -18.54 6.29
C GLY A 296 -6.34 -17.17 5.67
N VAL A 297 -5.47 -16.27 6.14
CA VAL A 297 -5.26 -14.98 5.52
C VAL A 297 -3.89 -14.96 4.87
N SER A 298 -3.85 -14.53 3.60
CA SER A 298 -2.60 -14.48 2.85
C SER A 298 -1.54 -13.66 3.57
N ILE A 299 -0.30 -14.14 3.49
CA ILE A 299 0.86 -13.46 4.07
C ILE A 299 2.08 -14.14 3.46
N VAL A 300 3.22 -13.44 3.45
CA VAL A 300 4.46 -14.01 2.96
C VAL A 300 5.56 -13.68 3.98
N ASP A 301 6.46 -14.62 4.19
CA ASP A 301 7.61 -14.37 5.03
C ASP A 301 8.68 -13.70 4.19
N HIS A 302 9.69 -13.12 4.86
CA HIS A 302 10.65 -12.33 4.10
C HIS A 302 11.60 -13.21 3.29
N HIS A 303 11.80 -14.47 3.68
CA HIS A 303 12.68 -15.33 2.88
C HIS A 303 12.02 -15.70 1.57
N THR A 304 10.76 -16.10 1.61
CA THR A 304 10.00 -16.45 0.40
C THR A 304 9.85 -15.23 -0.49
N ALA A 305 9.56 -14.07 0.12
CA ALA A 305 9.44 -12.83 -0.63
C ALA A 305 10.72 -12.50 -1.39
N ALA A 306 11.89 -12.62 -0.73
CA ALA A 306 13.12 -12.30 -1.42
C ALA A 306 13.39 -13.32 -2.51
N SER A 307 13.01 -14.57 -2.27
CA SER A 307 13.11 -15.63 -3.28
C SER A 307 12.28 -15.29 -4.52
N GLN A 308 11.06 -14.81 -4.32
CA GLN A 308 10.22 -14.33 -5.42
C GLN A 308 10.87 -13.11 -6.09
N PHE A 309 11.46 -12.22 -5.28
CA PHE A 309 12.04 -11.04 -5.89
C PHE A 309 13.25 -11.40 -6.76
N LYS A 310 14.02 -12.43 -6.37
CA LYS A 310 15.10 -12.92 -7.23
C LYS A 310 14.52 -13.35 -8.57
N ARG A 311 13.38 -14.03 -8.55
CA ARG A 311 12.74 -14.42 -9.80
C ARG A 311 12.30 -13.22 -10.60
N PHE A 312 11.81 -12.17 -9.91
CA PHE A 312 11.49 -10.92 -10.60
C PHE A 312 12.72 -10.36 -11.30
N GLU A 313 13.86 -10.31 -10.59
CA GLU A 313 15.11 -9.84 -11.18
C GLU A 313 15.45 -10.66 -12.43
N GLU A 314 15.32 -11.97 -12.33
CA GLU A 314 15.66 -12.86 -13.44
C GLU A 314 14.71 -12.63 -14.60
N GLN A 315 13.41 -12.50 -14.30
CA GLN A 315 12.43 -12.18 -15.33
C GLN A 315 12.73 -10.86 -16.02
N ALA A 316 13.12 -9.83 -15.25
CA ALA A 316 13.45 -8.55 -15.87
C ALA A 316 14.57 -8.73 -16.89
N GLU A 317 15.69 -9.32 -16.46
CA GLU A 317 16.79 -9.51 -17.41
C GLU A 317 16.33 -10.29 -18.64
N GLU A 318 15.56 -11.36 -18.44
CA GLU A 318 15.10 -12.20 -19.54
C GLU A 318 14.24 -11.41 -20.53
N ALA A 319 13.52 -10.40 -20.05
CA ALA A 319 12.66 -9.58 -20.89
C ALA A 319 13.37 -8.37 -21.46
N GLY A 320 14.67 -8.22 -21.18
CA GLY A 320 15.41 -7.06 -21.62
C GLY A 320 15.10 -5.77 -20.91
N ARG A 321 14.43 -5.80 -19.76
CA ARG A 321 14.11 -4.57 -19.02
C ARG A 321 15.16 -4.27 -17.96
N LYS A 322 15.58 -3.01 -17.89
CA LYS A 322 16.40 -2.58 -16.77
C LYS A 322 15.64 -2.88 -15.47
N LEU A 323 16.37 -3.33 -14.46
CA LEU A 323 15.83 -3.48 -13.12
C LEU A 323 16.19 -2.24 -12.31
N THR A 324 15.21 -1.69 -11.58
CA THR A 324 15.49 -0.62 -10.65
C THR A 324 14.97 -1.01 -9.26
N GLY A 325 15.63 -0.49 -8.24
CA GLY A 325 15.33 -0.93 -6.90
C GLY A 325 15.99 -0.06 -5.86
N ASP A 326 15.39 -0.03 -4.67
CA ASP A 326 15.90 0.71 -3.51
C ASP A 326 16.39 -0.31 -2.49
N TRP A 327 17.72 -0.55 -2.49
CA TRP A 327 18.31 -1.51 -1.57
C TRP A 327 17.88 -1.26 -0.12
N THR A 328 17.82 -0.01 0.31
CA THR A 328 17.52 0.28 1.72
C THR A 328 16.11 -0.11 2.14
N TRP A 329 15.18 -0.17 1.19
CA TRP A 329 13.82 -0.63 1.45
C TRP A 329 13.59 -2.09 1.06
N LEU A 330 14.33 -2.59 0.06
CA LEU A 330 14.18 -4.00 -0.33
C LEU A 330 14.70 -4.95 0.72
N ILE A 331 15.80 -4.60 1.44
CA ILE A 331 16.23 -5.58 2.44
C ILE A 331 15.19 -5.67 3.54
N PRO A 332 14.90 -6.85 4.05
CA PRO A 332 13.96 -6.94 5.14
C PRO A 332 14.60 -6.48 6.44
N PRO A 333 13.81 -5.99 7.39
CA PRO A 333 14.34 -5.53 8.69
C PRO A 333 14.69 -6.66 9.67
N ILE A 334 14.50 -7.93 9.28
CA ILE A 334 14.86 -9.10 10.08
C ILE A 334 15.84 -9.92 9.23
N SER A 335 16.99 -10.26 9.81
CA SER A 335 18.00 -11.06 9.08
C SER A 335 18.19 -10.63 7.64
N PRO A 336 18.45 -9.35 7.36
CA PRO A 336 18.60 -8.93 5.97
C PRO A 336 19.72 -9.63 5.21
N ALA A 337 20.83 -9.92 5.89
CA ALA A 337 21.93 -10.58 5.18
C ALA A 337 21.65 -12.04 4.88
N ALA A 338 20.55 -12.60 5.36
CA ALA A 338 20.17 -13.94 4.93
C ALA A 338 19.40 -13.95 3.61
N THR A 339 19.23 -12.80 2.96
CA THR A 339 18.62 -12.72 1.64
C THR A 339 19.66 -12.31 0.62
N HIS A 340 19.44 -12.73 -0.65
CA HIS A 340 20.32 -12.34 -1.76
C HIS A 340 20.33 -10.84 -1.98
N ILE A 341 19.22 -10.16 -1.65
CA ILE A 341 19.11 -8.72 -1.85
C ILE A 341 20.29 -8.00 -1.17
N PHE A 342 20.54 -8.35 0.07
CA PHE A 342 21.56 -7.65 0.86
C PHE A 342 22.89 -7.64 0.13
N HIS A 343 23.18 -8.71 -0.62
CA HIS A 343 24.51 -8.94 -1.16
C HIS A 343 24.67 -8.42 -2.57
N ARG A 344 23.68 -7.68 -3.08
CA ARG A 344 23.86 -7.05 -4.37
C ARG A 344 23.43 -5.60 -4.30
N SER A 345 23.63 -4.90 -5.41
CA SER A 345 23.30 -3.49 -5.52
C SER A 345 22.16 -3.32 -6.51
N TYR A 346 21.50 -2.15 -6.45
CA TYR A 346 20.31 -1.83 -7.25
C TYR A 346 20.37 -0.38 -7.71
N ASP A 347 20.10 -0.15 -8.99
CA ASP A 347 19.95 1.19 -9.55
C ASP A 347 18.62 1.79 -9.07
N ASN A 348 18.70 2.89 -8.29
CA ASN A 348 17.50 3.51 -7.73
C ASN A 348 16.86 4.52 -8.67
N SER A 349 17.06 4.39 -9.97
CA SER A 349 16.49 5.35 -10.90
C SER A 349 14.96 5.23 -10.90
N ILE A 350 14.29 6.36 -11.10
CA ILE A 350 12.83 6.40 -11.09
C ILE A 350 12.35 6.27 -12.53
N VAL A 351 11.59 5.19 -12.83
CA VAL A 351 10.97 5.00 -14.13
C VAL A 351 9.47 5.15 -13.96
N LYS A 352 8.79 5.76 -14.96
CA LYS A 352 7.34 5.89 -14.97
C LYS A 352 6.72 4.95 -15.99
N PRO A 353 5.46 4.52 -15.79
CA PRO A 353 4.50 4.76 -14.70
C PRO A 353 5.01 4.40 -13.31
N ASN A 354 4.53 5.08 -12.28
CA ASN A 354 4.99 4.75 -10.94
C ASN A 354 3.97 5.28 -9.94
N TYR A 355 4.14 4.84 -8.68
CA TYR A 355 3.37 5.37 -7.56
C TYR A 355 4.24 6.39 -6.82
N PHE A 356 3.65 7.53 -6.46
CA PHE A 356 4.39 8.61 -5.84
C PHE A 356 3.68 9.09 -4.58
N TYR A 357 4.50 9.55 -3.66
CA TYR A 357 4.04 10.27 -2.48
C TYR A 357 3.35 11.57 -2.91
N GLN A 358 2.42 12.03 -2.09
CA GLN A 358 1.81 13.34 -2.31
C GLN A 358 1.49 13.95 -0.97
N ASP A 359 1.35 15.28 -0.96
CA ASP A 359 1.12 15.99 0.30
C ASP A 359 -0.19 15.54 0.93
N LYS A 360 -0.16 15.35 2.24
CA LYS A 360 -1.38 15.10 2.98
C LYS A 360 -2.29 16.32 2.91
N PRO A 361 -3.59 16.13 2.76
CA PRO A 361 -4.52 17.26 2.78
C PRO A 361 -4.78 17.82 4.16
N TYR A 362 -4.31 17.15 5.20
CA TYR A 362 -4.52 17.59 6.56
C TYR A 362 -3.14 17.81 7.20
N GLU A 363 -3.17 18.05 8.50
CA GLU A 363 -2.08 18.74 9.15
C GLU A 363 -2.27 18.59 10.65
CHA HEM B . 6.64 -1.14 -0.82
CHB HEM B . 5.71 -5.86 -0.14
CHC HEM B . 2.13 -5.56 -3.45
CHD HEM B . 3.48 -1.05 -4.54
C1A HEM B . 6.56 -2.42 -0.30
C2A HEM B . 7.21 -2.79 0.92
C3A HEM B . 6.97 -4.11 1.09
C4A HEM B . 6.11 -4.55 0.03
CMA HEM B . 7.41 -4.98 2.22
CAA HEM B . 8.08 -1.96 1.84
CBA HEM B . 7.24 -1.08 2.76
CGA HEM B . 7.79 -1.11 4.15
O1A HEM B . 7.18 -0.46 5.03
O2A HEM B . 8.83 -1.76 4.44
C1B HEM B . 4.63 -6.17 -0.99
C2B HEM B . 3.95 -7.40 -0.95
C3B HEM B . 2.94 -7.33 -1.86
C4B HEM B . 3.05 -6.00 -2.49
CMB HEM B . 4.21 -8.61 -0.09
CAB HEM B . 1.99 -8.46 -2.14
CBB HEM B . 1.40 -8.67 -3.34
C1C HEM B . 2.09 -4.28 -4.00
C2C HEM B . 1.15 -3.78 -4.89
C3C HEM B . 1.56 -2.50 -5.25
C4C HEM B . 2.75 -2.21 -4.49
CMC HEM B . -0.06 -4.56 -5.40
CAC HEM B . 0.87 -1.55 -6.17
CBC HEM B . 0.09 -1.94 -7.17
C1D HEM B . 4.47 -0.77 -3.55
C2D HEM B . 4.98 0.61 -3.38
C3D HEM B . 5.84 0.58 -2.34
C4D HEM B . 5.84 -0.81 -1.88
CMD HEM B . 4.64 1.85 -4.17
CAD HEM B . 6.64 1.75 -1.79
CBD HEM B . 5.80 2.68 -0.89
CGD HEM B . 6.60 3.79 -0.22
O1D HEM B . 6.29 4.08 0.95
O2D HEM B . 7.51 4.42 -0.80
NA HEM B . 5.91 -3.51 -0.84
NB HEM B . 4.07 -5.35 -1.88
NC HEM B . 3.05 -3.33 -3.77
ND HEM B . 4.99 -1.60 -2.61
FE HEM B . 4.71 -3.46 -2.46
C02 V4Y C . 13.93 3.99 6.51
C03 V4Y C . 14.95 3.48 5.75
C04 V4Y C . 14.72 2.37 5.01
C05 V4Y C . 13.45 1.76 5.02
C06 V4Y C . 12.45 2.29 5.78
C07 V4Y C . 11.13 1.49 5.71
C08 V4Y C . 9.79 2.25 5.92
C09 V4Y C . 8.77 1.45 6.63
C11 V4Y C . 6.73 1.98 7.77
C12 V4Y C . 6.05 2.60 6.58
C13 V4Y C . 6.07 4.00 6.37
C14 V4Y C . 5.44 4.56 5.23
C15 V4Y C . 4.80 3.73 4.33
C16 V4Y C . 4.80 2.31 4.53
C18 V4Y C . 4.52 1.50 2.25
C19 V4Y C . 3.83 0.33 1.49
C20 V4Y C . 3.27 0.55 0.23
C21 V4Y C . 2.66 -0.50 -0.48
C22 V4Y C . 2.63 -1.81 0.13
C23 V4Y C . 1.99 -2.88 -0.58
C24 V4Y C . 1.97 -4.17 -0.02
C25 V4Y C . 2.58 -4.37 1.24
C28 V4Y C . 3.20 -2.03 1.35
C29 V4Y C . 3.81 -0.96 2.08
C30 V4Y C . 5.42 1.77 5.68
N01 V4Y C . 14.26 5.13 7.22
N10 V4Y C . 8.15 2.24 7.63
N26 V4Y C . 2.58 -5.67 1.82
N27 V4Y C . 3.16 -3.32 1.90
N31 V4Y C . 12.69 3.39 6.51
O17 V4Y C . 4.14 1.39 3.63
CL CL D . 1.42 -1.37 7.28
C1 GOL E . 8.57 8.27 -3.63
O1 GOL E . 7.53 9.21 -4.05
C2 GOL E . 9.02 7.11 -4.58
O2 GOL E . 8.45 7.21 -5.91
C3 GOL E . 10.57 6.90 -4.64
O3 GOL E . 11.04 5.66 -5.28
C1 GOL F . -16.54 13.44 18.91
O1 GOL F . -15.27 13.91 18.46
C2 GOL F . -17.56 14.57 18.93
O2 GOL F . -18.84 14.14 19.34
C3 GOL F . -17.14 15.64 19.88
O3 GOL F . -17.26 16.85 19.11
C1 GOL G . 1.60 1.74 22.56
O1 GOL G . 1.66 3.17 22.39
C2 GOL G . 0.14 1.33 22.44
O2 GOL G . -0.06 -0.09 22.63
C3 GOL G . -0.56 2.19 23.50
O3 GOL G . -1.50 1.46 24.29
#